data_2Q6K
#
_entry.id   2Q6K
#
_cell.length_a   111.210
_cell.length_b   111.210
_cell.length_c   93.180
_cell.angle_alpha   90.00
_cell.angle_beta   90.00
_cell.angle_gamma   120.00
#
_symmetry.space_group_name_H-M   'P 63 2 2'
#
loop_
_entity.id
_entity.type
_entity.pdbx_description
1 polymer chlorinase
2 non-polymer ADENOSINE
3 non-polymer DI(HYDROXYETHYL)ETHER
4 water water
#
_entity_poly.entity_id   1
_entity_poly.type   'polypeptide(L)'
_entity_poly.pdbx_seq_one_letter_code
;MQHNLIAFLSDVGSADEAHALCKGVMYGVAPAATIVDITHDVAPFDVREGALFLADVPHSFPAHTVICAYVYPETGTATH
TIAVRNEKGQLLVGPNNGLLSFALDASPAVECHEVLSPDVMNQPVTPTWYGKDIVAACAAHLAAGTDLAAVGPRIDPKQI
VRLPYASASEVEGGIRGEVVRIDRAFGNVWTNIPTHLIGSMLQDGERLEVKIEALSDTVLELPFCKTFGEVDEGQPLLYL
NSRGRLALGLNQSNFIEKWPVVPGDSITVSPRVPDSNLGPVLG
;
_entity_poly.pdbx_strand_id   A
#
loop_
_chem_comp.id
_chem_comp.type
_chem_comp.name
_chem_comp.formula
ADN non-polymer ADENOSINE 'C10 H13 N5 O4'
PEG non-polymer DI(HYDROXYETHYL)ETHER 'C4 H10 O3'
#
# COMPACT_ATOMS: atom_id res chain seq x y z
N MET A 1 10.00 -18.42 11.67
CA MET A 1 9.21 -19.30 10.77
C MET A 1 9.48 -18.91 9.34
N GLN A 2 9.89 -19.88 8.54
CA GLN A 2 10.10 -19.64 7.11
C GLN A 2 8.89 -18.93 6.48
N HIS A 3 9.19 -17.89 5.71
CA HIS A 3 8.18 -17.18 4.94
C HIS A 3 8.77 -17.01 3.53
N ASN A 4 8.53 -18.04 2.71
N ASN A 4 8.66 -18.04 2.69
CA ASN A 4 9.13 -18.25 1.37
CA ASN A 4 9.44 -17.99 1.44
C ASN A 4 8.65 -17.35 0.23
C ASN A 4 8.92 -17.07 0.33
N LEU A 5 7.78 -16.41 0.54
CA LEU A 5 7.28 -15.46 -0.47
C LEU A 5 7.52 -14.03 0.00
N ILE A 6 8.36 -13.31 -0.73
CA ILE A 6 8.63 -11.89 -0.43
C ILE A 6 7.92 -11.03 -1.46
N ALA A 7 7.01 -10.17 -0.99
CA ALA A 7 6.28 -9.24 -1.85
C ALA A 7 6.89 -7.86 -1.64
N PHE A 8 7.32 -7.22 -2.73
CA PHE A 8 8.28 -6.12 -2.64
C PHE A 8 7.76 -4.83 -3.28
N LEU A 9 7.69 -3.76 -2.49
CA LEU A 9 7.23 -2.43 -2.96
C LEU A 9 8.24 -1.35 -2.64
N SER A 10 8.41 -0.41 -3.55
CA SER A 10 9.23 0.77 -3.31
C SER A 10 8.87 1.92 -4.23
N ASP A 11 9.60 3.03 -4.06
CA ASP A 11 9.46 4.20 -4.93
C ASP A 11 10.68 4.39 -5.84
N VAL A 12 11.53 3.38 -5.98
CA VAL A 12 12.77 3.55 -6.76
C VAL A 12 12.62 3.31 -8.27
N GLY A 13 11.43 2.90 -8.69
CA GLY A 13 11.16 2.60 -10.09
C GLY A 13 11.74 1.27 -10.54
N SER A 14 11.33 0.82 -11.72
CA SER A 14 11.86 -0.41 -12.30
C SER A 14 12.64 -0.14 -13.59
N ALA A 15 12.99 1.14 -13.80
CA ALA A 15 13.64 1.57 -15.04
C ALA A 15 15.18 1.58 -14.95
N ASP A 16 15.70 1.31 -13.76
CA ASP A 16 17.14 1.04 -13.61
C ASP A 16 17.38 -0.13 -12.67
N GLU A 17 18.63 -0.35 -12.28
CA GLU A 17 18.97 -1.56 -11.52
C GLU A 17 18.68 -1.52 -10.02
N ALA A 18 18.33 -0.35 -9.48
CA ALA A 18 18.23 -0.18 -8.02
C ALA A 18 17.37 -1.25 -7.36
N HIS A 19 16.14 -1.42 -7.85
CA HIS A 19 15.21 -2.39 -7.28
C HIS A 19 15.75 -3.81 -7.40
N ALA A 20 16.49 -4.08 -8.47
CA ALA A 20 17.08 -5.39 -8.72
C ALA A 20 18.24 -5.69 -7.77
N LEU A 21 19.04 -4.69 -7.43
CA LEU A 21 20.12 -4.90 -6.47
C LEU A 21 19.57 -5.35 -5.13
N CYS A 22 18.41 -4.81 -4.73
CA CYS A 22 17.74 -5.22 -3.49
C CYS A 22 17.36 -6.69 -3.57
N LYS A 23 16.88 -7.11 -4.74
CA LYS A 23 16.51 -8.51 -4.96
C LYS A 23 17.75 -9.39 -4.89
N GLY A 24 18.86 -8.92 -5.46
CA GLY A 24 20.14 -9.62 -5.34
C GLY A 24 20.52 -9.89 -3.89
N VAL A 25 20.42 -8.86 -3.07
CA VAL A 25 20.69 -8.97 -1.64
C VAL A 25 19.76 -10.01 -1.00
N MET A 26 18.48 -9.95 -1.34
CA MET A 26 17.48 -10.83 -0.76
C MET A 26 17.69 -12.26 -1.19
N TYR A 27 17.95 -12.51 -2.47
CA TYR A 27 18.24 -13.87 -2.94
C TYR A 27 19.51 -14.45 -2.31
N GLY A 28 20.47 -13.60 -2.01
CA GLY A 28 21.72 -14.00 -1.34
C GLY A 28 21.45 -14.54 0.06
N VAL A 29 20.57 -13.85 0.78
CA VAL A 29 20.23 -14.20 2.16
C VAL A 29 19.24 -15.37 2.23
N ALA A 30 18.26 -15.35 1.34
CA ALA A 30 17.18 -16.33 1.35
C ALA A 30 17.07 -17.02 -0.02
N PRO A 31 18.00 -17.96 -0.31
CA PRO A 31 17.95 -18.65 -1.60
C PRO A 31 16.72 -19.55 -1.81
N ALA A 32 15.95 -19.83 -0.76
CA ALA A 32 14.73 -20.64 -0.89
C ALA A 32 13.48 -19.78 -1.20
N ALA A 33 13.66 -18.47 -1.18
CA ALA A 33 12.54 -17.53 -1.32
C ALA A 33 12.20 -17.17 -2.77
N THR A 34 10.91 -16.92 -2.98
CA THR A 34 10.39 -16.36 -4.22
C THR A 34 10.14 -14.88 -3.96
N ILE A 35 10.62 -14.04 -4.88
CA ILE A 35 10.41 -12.59 -4.79
C ILE A 35 9.45 -12.16 -5.89
N VAL A 36 8.39 -11.48 -5.49
CA VAL A 36 7.42 -10.91 -6.42
C VAL A 36 7.26 -9.43 -6.13
N ASP A 37 7.31 -8.61 -7.17
CA ASP A 37 7.08 -7.18 -6.99
C ASP A 37 5.62 -6.88 -6.77
N ILE A 38 5.35 -5.93 -5.87
CA ILE A 38 4.04 -5.32 -5.78
C ILE A 38 4.05 -4.23 -6.86
N THR A 39 4.84 -3.19 -6.62
CA THR A 39 5.23 -2.23 -7.65
C THR A 39 6.41 -1.41 -7.14
N HIS A 40 7.19 -0.88 -8.07
CA HIS A 40 8.24 0.06 -7.71
C HIS A 40 7.94 1.47 -8.21
N ASP A 41 6.72 1.66 -8.72
CA ASP A 41 6.34 2.94 -9.30
C ASP A 41 5.55 3.87 -8.38
N VAL A 42 5.66 3.64 -7.08
CA VAL A 42 5.15 4.63 -6.11
C VAL A 42 5.82 5.96 -6.43
N ALA A 43 5.04 7.04 -6.44
CA ALA A 43 5.61 8.36 -6.69
C ALA A 43 6.73 8.64 -5.68
N PRO A 44 7.82 9.30 -6.12
CA PRO A 44 8.97 9.48 -5.22
C PRO A 44 8.55 10.12 -3.89
N PHE A 45 9.00 9.52 -2.79
CA PHE A 45 8.77 10.01 -1.42
C PHE A 45 7.31 9.95 -0.96
N ASP A 46 6.42 9.41 -1.80
CA ASP A 46 4.99 9.46 -1.53
C ASP A 46 4.55 8.29 -0.64
N VAL A 47 4.78 8.46 0.65
CA VAL A 47 4.46 7.45 1.65
C VAL A 47 2.97 7.05 1.64
N ARG A 48 2.09 8.04 1.48
CA ARG A 48 0.65 7.78 1.46
C ARG A 48 0.25 6.92 0.26
N GLU A 49 0.80 7.22 -0.91
CA GLU A 49 0.52 6.40 -2.09
C GLU A 49 1.00 4.97 -1.86
N GLY A 50 2.23 4.82 -1.37
CA GLY A 50 2.75 3.48 -1.05
C GLY A 50 1.85 2.75 -0.07
N ALA A 51 1.39 3.47 0.95
CA ALA A 51 0.51 2.91 1.97
C ALA A 51 -0.79 2.40 1.38
N LEU A 52 -1.37 3.17 0.47
CA LEU A 52 -2.59 2.79 -0.22
C LEU A 52 -2.39 1.54 -1.06
N PHE A 53 -1.25 1.45 -1.76
CA PHE A 53 -0.95 0.30 -2.60
C PHE A 53 -0.81 -0.98 -1.79
N LEU A 54 -0.43 -0.84 -0.51
CA LEU A 54 -0.23 -2.02 0.35
C LEU A 54 -1.49 -2.50 1.04
N ALA A 55 -2.53 -1.68 1.04
CA ALA A 55 -3.75 -1.96 1.81
C ALA A 55 -4.33 -3.36 1.62
N ASP A 56 -4.45 -3.79 0.37
CA ASP A 56 -5.10 -5.06 0.03
CA ASP A 56 -5.10 -5.07 0.08
C ASP A 56 -4.11 -6.22 -0.09
N VAL A 57 -2.83 -5.93 0.15
CA VAL A 57 -1.80 -6.97 0.05
C VAL A 57 -1.96 -8.12 1.07
N PRO A 58 -2.14 -7.79 2.37
CA PRO A 58 -2.32 -8.87 3.35
C PRO A 58 -3.43 -9.87 2.99
N HIS A 59 -4.59 -9.39 2.55
CA HIS A 59 -5.69 -10.28 2.18
C HIS A 59 -5.39 -11.14 0.95
N SER A 60 -4.75 -10.56 -0.06
CA SER A 60 -4.53 -11.26 -1.34
C SER A 60 -3.37 -12.25 -1.30
N PHE A 61 -2.45 -12.05 -0.36
CA PHE A 61 -1.27 -12.90 -0.25
C PHE A 61 -1.38 -13.95 0.86
N PRO A 62 -0.71 -15.10 0.67
CA PRO A 62 -0.81 -16.14 1.69
C PRO A 62 -0.07 -15.80 2.98
N ALA A 63 -0.28 -16.62 4.02
CA ALA A 63 0.27 -16.33 5.34
C ALA A 63 1.80 -16.34 5.38
N HIS A 64 2.42 -17.09 4.48
CA HIS A 64 3.88 -17.23 4.46
C HIS A 64 4.59 -16.12 3.69
N THR A 65 3.93 -14.96 3.61
CA THR A 65 4.47 -13.81 2.89
C THR A 65 5.20 -12.86 3.84
N VAL A 66 6.34 -12.34 3.39
CA VAL A 66 6.96 -11.17 3.98
C VAL A 66 6.67 -9.99 3.05
N ILE A 67 5.97 -8.99 3.58
CA ILE A 67 5.71 -7.76 2.84
C ILE A 67 6.88 -6.82 3.10
N CYS A 68 7.70 -6.64 2.08
CA CYS A 68 8.90 -5.81 2.16
C CYS A 68 8.63 -4.51 1.41
N ALA A 69 8.55 -3.40 2.13
CA ALA A 69 8.17 -2.14 1.50
C ALA A 69 9.01 -0.98 2.00
N TYR A 70 9.50 -0.16 1.07
CA TYR A 70 10.15 1.07 1.47
C TYR A 70 9.87 2.25 0.55
N VAL A 71 9.41 3.33 1.18
CA VAL A 71 9.38 4.66 0.59
C VAL A 71 9.99 5.45 1.74
N TYR A 72 11.26 5.81 1.60
CA TYR A 72 12.10 6.07 2.76
C TYR A 72 12.95 7.34 2.64
N PRO A 73 12.28 8.50 2.47
CA PRO A 73 13.04 9.75 2.38
C PRO A 73 13.79 10.09 3.67
N GLU A 74 13.42 9.40 4.75
CA GLU A 74 14.08 9.56 6.05
C GLU A 74 15.27 8.61 6.21
N THR A 75 15.67 7.95 5.13
CA THR A 75 16.81 7.05 5.17
C THR A 75 18.05 7.71 5.81
N GLY A 76 18.73 6.97 6.69
CA GLY A 76 19.94 7.47 7.34
C GLY A 76 19.74 8.46 8.47
N THR A 77 18.50 8.55 8.96
CA THR A 77 18.17 9.42 10.09
C THR A 77 17.68 8.57 11.27
N ALA A 78 17.08 9.25 12.25
CA ALA A 78 16.55 8.58 13.44
C ALA A 78 15.26 7.79 13.20
N THR A 79 14.62 7.97 12.03
CA THR A 79 13.41 7.15 11.80
C THR A 79 13.80 5.73 11.41
N HIS A 80 13.48 4.82 12.33
CA HIS A 80 13.89 3.44 12.22
C HIS A 80 13.03 2.64 11.26
N THR A 81 13.58 1.50 10.86
CA THR A 81 12.85 0.46 10.17
C THR A 81 12.20 -0.42 11.23
N ILE A 82 10.99 -0.90 10.95
CA ILE A 82 10.28 -1.80 11.85
C ILE A 82 9.95 -3.12 11.17
N ALA A 83 9.86 -4.17 11.97
CA ALA A 83 9.44 -5.50 11.52
C ALA A 83 8.24 -5.92 12.36
N VAL A 84 7.20 -6.40 11.68
CA VAL A 84 5.91 -6.67 12.29
C VAL A 84 5.41 -8.06 11.90
N ARG A 85 4.84 -8.77 12.87
CA ARG A 85 4.02 -9.95 12.57
C ARG A 85 2.56 -9.54 12.71
N ASN A 86 1.76 -9.79 11.67
CA ASN A 86 0.34 -9.44 11.74
C ASN A 86 -0.55 -10.59 12.17
N GLU A 87 -1.85 -10.33 12.28
CA GLU A 87 -2.81 -11.33 12.76
C GLU A 87 -2.96 -12.53 11.83
N LYS A 88 -2.65 -12.34 10.55
CA LYS A 88 -2.69 -13.42 9.56
C LYS A 88 -1.45 -14.33 9.66
N GLY A 89 -0.41 -13.82 10.33
CA GLY A 89 0.84 -14.58 10.46
C GLY A 89 1.90 -14.15 9.47
N GLN A 90 1.57 -13.16 8.64
CA GLN A 90 2.52 -12.58 7.69
C GLN A 90 3.50 -11.69 8.43
N LEU A 91 4.64 -11.42 7.80
CA LEU A 91 5.63 -10.50 8.34
C LEU A 91 5.69 -9.28 7.44
N LEU A 92 5.96 -8.12 8.03
CA LEU A 92 6.08 -6.86 7.28
C LEU A 92 7.32 -6.13 7.73
N VAL A 93 8.06 -5.57 6.78
CA VAL A 93 9.24 -4.78 7.10
C VAL A 93 9.18 -3.49 6.28
N GLY A 94 9.37 -2.37 6.96
CA GLY A 94 9.37 -1.06 6.31
C GLY A 94 9.79 0.05 7.26
N PRO A 95 10.00 1.27 6.71
CA PRO A 95 10.28 2.43 7.56
C PRO A 95 9.09 2.75 8.46
N ASN A 96 9.37 3.17 9.69
CA ASN A 96 8.31 3.58 10.61
C ASN A 96 7.90 5.02 10.35
N ASN A 97 7.29 5.24 9.18
CA ASN A 97 6.94 6.59 8.72
C ASN A 97 5.49 6.67 8.23
N GLY A 98 4.72 5.64 8.52
CA GLY A 98 3.32 5.55 8.08
C GLY A 98 3.08 4.60 6.92
N LEU A 99 4.16 4.13 6.27
CA LEU A 99 4.01 3.31 5.07
C LEU A 99 3.12 2.07 5.25
N LEU A 100 3.25 1.40 6.39
CA LEU A 100 2.50 0.15 6.61
C LEU A 100 1.08 0.35 7.17
N SER A 101 0.67 1.62 7.35
CA SER A 101 -0.58 1.97 8.02
C SER A 101 -1.80 1.17 7.58
N PHE A 102 -2.05 1.17 6.28
CA PHE A 102 -3.30 0.63 5.76
C PHE A 102 -3.24 -0.91 5.63
N ALA A 103 -2.05 -1.44 5.40
CA ALA A 103 -1.84 -2.89 5.48
C ALA A 103 -2.14 -3.38 6.89
N LEU A 104 -1.73 -2.60 7.89
CA LEU A 104 -1.98 -2.96 9.29
C LEU A 104 -3.45 -2.78 9.68
N ASP A 105 -4.15 -1.84 9.03
CA ASP A 105 -5.61 -1.74 9.22
C ASP A 105 -6.29 -3.03 8.82
N ALA A 106 -5.83 -3.62 7.72
CA ALA A 106 -6.39 -4.86 7.19
C ALA A 106 -6.10 -6.07 8.09
N SER A 107 -4.88 -6.13 8.62
CA SER A 107 -4.48 -7.20 9.52
C SER A 107 -3.55 -6.59 10.58
N PRO A 108 -4.08 -6.32 11.78
CA PRO A 108 -3.33 -5.59 12.80
C PRO A 108 -2.00 -6.22 13.24
N ALA A 109 -1.08 -5.36 13.67
CA ALA A 109 0.17 -5.78 14.26
C ALA A 109 -0.10 -6.58 15.54
N VAL A 110 0.57 -7.72 15.66
CA VAL A 110 0.55 -8.52 16.89
C VAL A 110 1.84 -8.35 17.69
N GLU A 111 2.96 -8.34 16.97
CA GLU A 111 4.27 -8.11 17.56
C GLU A 111 5.05 -7.20 16.63
N CYS A 112 5.71 -6.20 17.21
N CYS A 112 5.75 -6.24 17.23
CA CYS A 112 6.51 -5.26 16.42
CA CYS A 112 6.49 -5.22 16.49
C CYS A 112 7.85 -4.99 17.09
C CYS A 112 7.86 -4.99 17.11
N HIS A 113 8.89 -4.98 16.27
CA HIS A 113 10.26 -4.70 16.72
C HIS A 113 10.89 -3.65 15.84
N GLU A 114 11.78 -2.85 16.43
CA GLU A 114 12.63 -1.97 15.64
C GLU A 114 13.82 -2.77 15.11
N VAL A 115 14.20 -2.51 13.86
CA VAL A 115 15.30 -3.25 13.24
C VAL A 115 16.59 -2.50 13.52
N LEU A 116 17.31 -2.98 14.54
CA LEU A 116 18.54 -2.32 14.99
C LEU A 116 19.77 -3.23 14.98
N SER A 117 19.55 -4.54 14.88
CA SER A 117 20.65 -5.49 14.91
C SER A 117 21.44 -5.51 13.60
N PRO A 118 22.76 -5.32 13.66
CA PRO A 118 23.59 -5.36 12.46
C PRO A 118 23.52 -6.69 11.72
N ASP A 119 23.20 -7.77 12.44
CA ASP A 119 23.21 -9.12 11.90
C ASP A 119 22.07 -9.39 10.91
N VAL A 120 21.06 -8.53 10.89
CA VAL A 120 19.99 -8.64 9.91
C VAL A 120 20.08 -7.55 8.83
N MET A 121 21.21 -6.86 8.79
CA MET A 121 21.44 -5.80 7.82
C MET A 121 22.49 -6.23 6.84
N ASN A 122 22.50 -5.59 5.66
CA ASN A 122 23.56 -5.76 4.68
C ASN A 122 24.67 -4.76 4.98
N GLN A 123 25.83 -5.29 5.37
CA GLN A 123 26.96 -4.47 5.83
C GLN A 123 27.99 -4.22 4.74
N PRO A 124 28.57 -3.00 4.68
CA PRO A 124 28.25 -1.83 5.49
C PRO A 124 26.98 -1.14 4.99
N VAL A 125 26.20 -0.61 5.93
CA VAL A 125 24.95 0.07 5.61
C VAL A 125 25.22 1.47 5.08
N THR A 126 24.76 1.76 3.87
CA THR A 126 24.90 3.09 3.28
CA THR A 126 24.91 3.09 3.30
C THR A 126 23.76 3.98 3.75
N PRO A 127 24.09 5.17 4.33
CA PRO A 127 23.06 6.05 4.89
C PRO A 127 21.89 6.38 3.97
N THR A 128 22.15 6.52 2.67
CA THR A 128 21.12 6.89 1.71
C THR A 128 20.32 5.71 1.15
N TRP A 129 20.71 4.48 1.50
CA TRP A 129 19.98 3.33 0.99
C TRP A 129 19.60 2.32 2.06
N TYR A 130 18.92 2.81 3.11
CA TYR A 130 18.33 1.93 4.12
C TYR A 130 17.34 0.96 3.49
N GLY A 131 16.73 1.36 2.37
CA GLY A 131 15.83 0.48 1.63
C GLY A 131 16.45 -0.87 1.30
N LYS A 132 17.67 -0.85 0.79
CA LYS A 132 18.36 -2.09 0.43
C LYS A 132 19.02 -2.73 1.65
N ASP A 133 19.76 -1.92 2.41
CA ASP A 133 20.67 -2.45 3.41
C ASP A 133 20.02 -2.80 4.75
N ILE A 134 18.82 -2.28 4.98
CA ILE A 134 18.07 -2.60 6.19
C ILE A 134 16.72 -3.24 5.87
N VAL A 135 15.89 -2.58 5.07
CA VAL A 135 14.54 -3.09 4.81
C VAL A 135 14.59 -4.40 4.02
N ALA A 136 15.22 -4.38 2.86
CA ALA A 136 15.32 -5.60 2.02
C ALA A 136 16.09 -6.70 2.73
N ALA A 137 17.25 -6.35 3.29
CA ALA A 137 18.08 -7.33 3.98
C ALA A 137 17.31 -8.01 5.12
N CYS A 138 16.65 -7.21 5.96
CA CYS A 138 15.93 -7.76 7.11
C CYS A 138 14.77 -8.64 6.66
N ALA A 139 14.04 -8.17 5.64
CA ALA A 139 12.94 -8.94 5.08
C ALA A 139 13.41 -10.33 4.64
N ALA A 140 14.59 -10.40 4.03
CA ALA A 140 15.13 -11.68 3.58
C ALA A 140 15.54 -12.57 4.75
N HIS A 141 16.13 -11.98 5.79
CA HIS A 141 16.47 -12.77 6.98
C HIS A 141 15.22 -13.38 7.63
N LEU A 142 14.14 -12.58 7.68
CA LEU A 142 12.87 -13.08 8.21
C LEU A 142 12.26 -14.15 7.32
N ALA A 143 12.34 -13.94 6.00
CA ALA A 143 11.88 -14.94 5.03
C ALA A 143 12.61 -16.27 5.25
N ALA A 144 13.91 -16.17 5.55
CA ALA A 144 14.75 -17.35 5.77
C ALA A 144 14.47 -18.06 7.09
N GLY A 145 13.75 -17.39 7.99
CA GLY A 145 13.35 -17.99 9.27
C GLY A 145 13.96 -17.41 10.53
N THR A 146 14.62 -16.25 10.40
CA THR A 146 15.16 -15.55 11.58
C THR A 146 14.03 -15.16 12.54
N ASP A 147 14.28 -15.37 13.84
CA ASP A 147 13.35 -14.98 14.88
C ASP A 147 13.11 -13.47 14.82
N LEU A 148 11.84 -13.07 14.83
CA LEU A 148 11.49 -11.64 14.81
C LEU A 148 12.19 -10.89 15.94
N ALA A 149 12.29 -11.53 17.11
CA ALA A 149 12.92 -10.93 18.28
C ALA A 149 14.40 -10.60 18.09
N ALA A 150 15.05 -11.28 17.14
CA ALA A 150 16.46 -11.08 16.86
C ALA A 150 16.78 -9.80 16.08
N VAL A 151 15.76 -9.13 15.54
CA VAL A 151 16.00 -7.94 14.71
C VAL A 151 16.31 -6.69 15.52
N GLY A 152 15.90 -6.70 16.79
CA GLY A 152 16.00 -5.53 17.66
C GLY A 152 14.91 -5.51 18.71
N PRO A 153 14.81 -4.37 19.44
CA PRO A 153 13.92 -4.29 20.59
C PRO A 153 12.44 -4.22 20.23
N ARG A 154 11.61 -4.83 21.06
CA ARG A 154 10.16 -4.77 20.92
C ARG A 154 9.66 -3.34 21.17
N ILE A 155 8.67 -2.93 20.39
CA ILE A 155 7.96 -1.67 20.64
C ILE A 155 6.46 -1.95 20.72
N ASP A 156 5.73 -1.04 21.36
N ASP A 156 5.73 -1.03 21.36
CA ASP A 156 4.27 -1.14 21.42
CA ASP A 156 4.27 -1.11 21.43
C ASP A 156 3.67 -0.76 20.07
C ASP A 156 3.67 -0.76 20.07
N PRO A 157 2.59 -1.45 19.67
CA PRO A 157 1.91 -1.12 18.40
C PRO A 157 1.61 0.37 18.20
N LYS A 158 1.30 1.09 19.28
CA LYS A 158 1.02 2.53 19.18
C LYS A 158 2.24 3.35 18.75
N GLN A 159 3.43 2.76 18.85
CA GLN A 159 4.66 3.42 18.41
C GLN A 159 4.86 3.31 16.90
N ILE A 160 3.99 2.55 16.24
CA ILE A 160 3.97 2.53 14.77
C ILE A 160 3.23 3.76 14.27
N VAL A 161 3.94 4.62 13.53
CA VAL A 161 3.36 5.82 12.93
C VAL A 161 2.21 5.43 11.99
N ARG A 162 1.08 6.12 12.12
CA ARG A 162 -0.09 5.85 11.27
C ARG A 162 -0.52 7.10 10.51
N LEU A 163 -0.88 6.92 9.25
CA LEU A 163 -1.42 8.01 8.42
C LEU A 163 -2.90 8.13 8.65
N PRO A 164 -3.40 9.36 8.87
CA PRO A 164 -4.84 9.57 9.02
C PRO A 164 -5.58 9.22 7.74
N TYR A 165 -6.76 8.63 7.89
CA TYR A 165 -7.61 8.24 6.75
C TYR A 165 -9.01 8.78 7.00
N ALA A 166 -9.49 9.63 6.09
CA ALA A 166 -10.80 10.26 6.21
C ALA A 166 -11.95 9.27 6.01
N SER A 167 -12.97 9.39 6.86
CA SER A 167 -14.15 8.54 6.75
C SER A 167 -15.33 9.29 6.15
N ALA A 168 -16.15 8.57 5.38
CA ALA A 168 -17.37 9.13 4.82
C ALA A 168 -18.44 9.27 5.89
N SER A 169 -19.27 10.31 5.77
CA SER A 169 -20.35 10.56 6.72
C SER A 169 -21.66 10.88 6.01
N ILE A 175 -24.68 11.57 1.49
CA ILE A 175 -23.43 11.02 2.00
C ILE A 175 -22.23 11.78 1.44
N ARG A 176 -21.41 12.31 2.34
CA ARG A 176 -20.23 13.08 1.95
C ARG A 176 -18.94 12.29 2.18
N GLY A 177 -18.21 12.06 1.10
CA GLY A 177 -16.90 11.40 1.15
C GLY A 177 -15.89 12.15 0.32
N GLU A 178 -14.82 11.45 -0.07
CA GLU A 178 -13.78 12.06 -0.90
C GLU A 178 -13.07 11.04 -1.78
N VAL A 179 -12.35 11.55 -2.79
CA VAL A 179 -11.53 10.73 -3.66
C VAL A 179 -10.30 10.27 -2.90
N VAL A 180 -10.10 8.96 -2.86
CA VAL A 180 -8.96 8.37 -2.19
C VAL A 180 -7.81 8.17 -3.18
N ARG A 181 -8.12 7.56 -4.32
CA ARG A 181 -7.12 7.30 -5.34
C ARG A 181 -7.71 7.12 -6.72
N ILE A 182 -6.85 7.23 -7.73
CA ILE A 182 -7.22 7.06 -9.13
C ILE A 182 -6.47 5.84 -9.66
N ASP A 183 -7.21 4.89 -10.23
CA ASP A 183 -6.61 3.77 -10.94
C ASP A 183 -6.14 4.34 -12.27
N ARG A 184 -4.87 4.75 -12.33
CA ARG A 184 -4.34 5.49 -13.47
CA ARG A 184 -4.34 5.49 -13.47
CA ARG A 184 -4.30 5.48 -13.46
C ARG A 184 -4.32 4.69 -14.77
N ALA A 185 -4.34 3.36 -14.67
CA ALA A 185 -4.39 2.54 -15.88
C ALA A 185 -5.66 2.80 -16.67
N PHE A 186 -6.76 3.02 -15.94
CA PHE A 186 -8.09 3.15 -16.53
C PHE A 186 -8.76 4.50 -16.28
N GLY A 187 -8.28 5.22 -15.26
CA GLY A 187 -8.86 6.51 -14.89
C GLY A 187 -10.08 6.41 -14.00
N ASN A 188 -10.33 5.22 -13.46
CA ASN A 188 -11.43 5.02 -12.51
C ASN A 188 -11.12 5.72 -11.19
N VAL A 189 -12.15 6.29 -10.59
CA VAL A 189 -12.01 7.05 -9.35
C VAL A 189 -12.56 6.25 -8.18
N TRP A 190 -11.73 6.07 -7.16
CA TRP A 190 -12.15 5.36 -5.95
C TRP A 190 -12.36 6.32 -4.79
N THR A 191 -13.49 6.17 -4.11
CA THR A 191 -13.82 7.01 -2.96
C THR A 191 -13.70 6.22 -1.65
N ASN A 192 -13.91 6.91 -0.53
CA ASN A 192 -13.95 6.30 0.79
C ASN A 192 -15.37 5.94 1.25
N ILE A 193 -16.34 6.05 0.35
CA ILE A 193 -17.75 5.77 0.69
C ILE A 193 -18.02 4.26 0.67
N PRO A 194 -18.31 3.68 1.86
CA PRO A 194 -18.53 2.24 1.96
C PRO A 194 -19.90 1.81 1.45
N THR A 195 -20.04 0.52 1.17
CA THR A 195 -21.28 -0.08 0.64
C THR A 195 -22.53 0.28 1.43
N HIS A 196 -22.43 0.21 2.76
CA HIS A 196 -23.60 0.33 3.64
C HIS A 196 -24.24 1.72 3.74
N LEU A 197 -23.45 2.77 3.53
CA LEU A 197 -23.93 4.15 3.68
C LEU A 197 -24.90 4.61 2.58
N ILE A 198 -24.85 3.94 1.43
CA ILE A 198 -25.69 4.29 0.28
C ILE A 198 -26.81 3.28 0.02
N GLY A 199 -26.68 2.09 0.61
CA GLY A 199 -27.63 1.00 0.42
C GLY A 199 -29.01 1.29 0.97
N ARG A 207 -31.45 6.51 -10.64
CA ARG A 207 -30.19 7.25 -10.75
C ARG A 207 -29.91 8.10 -9.51
N LEU A 208 -28.64 8.21 -9.16
CA LEU A 208 -28.22 9.00 -8.00
C LEU A 208 -27.54 10.30 -8.42
N GLU A 209 -27.59 11.29 -7.54
CA GLU A 209 -26.94 12.58 -7.77
C GLU A 209 -25.57 12.62 -7.11
N VAL A 210 -24.54 12.92 -7.91
CA VAL A 210 -23.18 13.03 -7.40
C VAL A 210 -22.59 14.42 -7.63
N LYS A 211 -22.18 15.06 -6.55
CA LYS A 211 -21.62 16.40 -6.60
C LYS A 211 -20.11 16.40 -6.33
N ILE A 212 -19.36 17.05 -7.22
CA ILE A 212 -17.90 17.11 -7.12
C ILE A 212 -17.43 18.54 -6.86
N LEU A 215 -14.74 20.76 -8.88
CA LEU A 215 -14.98 21.04 -10.30
C LEU A 215 -16.18 21.98 -10.49
N SER A 216 -16.08 23.17 -9.90
CA SER A 216 -17.12 24.21 -9.97
C SER A 216 -18.52 23.68 -9.65
N ASP A 217 -18.61 22.88 -8.58
CA ASP A 217 -19.87 22.26 -8.13
C ASP A 217 -20.54 21.43 -9.23
N THR A 218 -19.77 20.52 -9.82
CA THR A 218 -20.27 19.62 -10.86
C THR A 218 -21.30 18.66 -10.29
N VAL A 219 -22.48 18.64 -10.91
CA VAL A 219 -23.54 17.72 -10.54
C VAL A 219 -23.79 16.75 -11.69
N LEU A 220 -23.64 15.47 -11.39
CA LEU A 220 -23.90 14.42 -12.37
C LEU A 220 -25.01 13.50 -11.88
N GLU A 221 -25.88 13.11 -12.81
CA GLU A 221 -26.90 12.12 -12.53
C GLU A 221 -26.40 10.80 -13.11
N LEU A 222 -26.00 9.89 -12.22
CA LEU A 222 -25.35 8.64 -12.62
C LEU A 222 -26.13 7.40 -12.20
N PRO A 223 -26.20 6.40 -13.09
CA PRO A 223 -26.78 5.12 -12.69
C PRO A 223 -25.81 4.35 -11.80
N PHE A 224 -26.35 3.69 -10.78
CA PHE A 224 -25.57 2.75 -9.97
C PHE A 224 -25.61 1.40 -10.64
N CYS A 225 -24.44 0.88 -10.99
CA CYS A 225 -24.32 -0.37 -11.74
C CYS A 225 -23.46 -1.38 -10.98
N LYS A 226 -23.57 -2.65 -11.35
CA LYS A 226 -22.68 -3.67 -10.80
C LYS A 226 -21.35 -3.68 -11.54
N THR A 227 -21.38 -3.33 -12.82
CA THR A 227 -20.18 -3.36 -13.65
C THR A 227 -20.22 -2.40 -14.85
N PHE A 228 -19.07 -2.21 -15.48
CA PHE A 228 -18.86 -1.20 -16.51
C PHE A 228 -19.81 -1.33 -17.70
N GLY A 229 -20.06 -2.57 -18.12
CA GLY A 229 -20.81 -2.85 -19.34
C GLY A 229 -22.32 -2.64 -19.24
N GLU A 230 -22.79 -2.22 -18.09
CA GLU A 230 -24.23 -1.98 -17.89
C GLU A 230 -24.69 -0.61 -18.40
N VAL A 231 -23.73 0.19 -18.84
CA VAL A 231 -24.02 1.42 -19.60
C VAL A 231 -23.34 1.35 -20.96
N ASP A 232 -23.73 2.24 -21.87
CA ASP A 232 -23.13 2.27 -23.20
C ASP A 232 -21.68 2.76 -23.13
N GLU A 233 -20.90 2.44 -24.16
CA GLU A 233 -19.47 2.79 -24.20
C GLU A 233 -19.25 4.29 -24.09
N GLY A 234 -18.40 4.70 -23.14
CA GLY A 234 -18.07 6.10 -22.92
C GLY A 234 -18.94 6.78 -21.88
N GLN A 235 -20.03 6.12 -21.48
CA GLN A 235 -20.95 6.68 -20.49
C GLN A 235 -20.47 6.47 -19.05
N PRO A 236 -20.75 7.44 -18.16
CA PRO A 236 -20.34 7.34 -16.76
C PRO A 236 -21.25 6.45 -15.92
N LEU A 237 -20.66 5.85 -14.88
CA LEU A 237 -21.41 5.00 -13.98
C LEU A 237 -20.86 5.08 -12.56
N LEU A 238 -21.72 4.78 -11.59
CA LEU A 238 -21.31 4.52 -10.22
C LEU A 238 -21.29 3.02 -10.02
N TYR A 239 -20.33 2.54 -9.24
CA TYR A 239 -20.27 1.12 -8.90
C TYR A 239 -19.49 0.92 -7.61
N LEU A 240 -19.63 -0.26 -7.02
CA LEU A 240 -18.82 -0.64 -5.86
C LEU A 240 -17.60 -1.38 -6.37
N ASN A 241 -16.43 -0.87 -5.99
CA ASN A 241 -15.18 -1.40 -6.52
C ASN A 241 -14.76 -2.73 -5.90
N SER A 242 -13.61 -3.23 -6.33
CA SER A 242 -13.06 -4.53 -5.95
C SER A 242 -13.02 -4.87 -4.46
N ARG A 243 -13.30 -3.91 -3.59
CA ARG A 243 -13.69 -4.21 -2.21
C ARG A 243 -14.45 -3.11 -1.47
N GLY A 244 -15.76 -3.05 -1.74
CA GLY A 244 -16.73 -2.37 -0.89
C GLY A 244 -16.76 -0.85 -0.85
N ARG A 245 -16.10 -0.21 -1.80
CA ARG A 245 -16.09 1.26 -1.84
C ARG A 245 -16.69 1.80 -3.13
N LEU A 246 -17.42 2.91 -3.01
CA LEU A 246 -18.06 3.53 -4.16
C LEU A 246 -17.01 4.10 -5.12
N ALA A 247 -17.22 3.83 -6.41
CA ALA A 247 -16.30 4.22 -7.45
C ALA A 247 -17.02 4.86 -8.63
N LEU A 248 -16.27 5.64 -9.40
CA LEU A 248 -16.77 6.30 -10.60
C LEU A 248 -15.91 5.93 -11.79
N GLY A 249 -16.55 5.63 -12.91
CA GLY A 249 -15.81 5.31 -14.13
C GLY A 249 -16.62 5.56 -15.37
N LEU A 250 -15.94 5.48 -16.52
CA LEU A 250 -16.60 5.49 -17.82
C LEU A 250 -16.43 4.11 -18.43
N ASN A 251 -17.50 3.59 -19.04
CA ASN A 251 -17.41 2.30 -19.72
C ASN A 251 -16.43 2.35 -20.90
N GLN A 252 -15.29 1.68 -20.73
CA GLN A 252 -14.22 1.64 -21.74
C GLN A 252 -13.68 3.02 -22.11
N SER A 253 -13.59 3.89 -21.12
CA SER A 253 -12.95 5.19 -21.29
C SER A 253 -12.36 5.63 -19.95
N ASN A 254 -11.73 6.81 -19.94
CA ASN A 254 -11.01 7.30 -18.78
C ASN A 254 -11.76 8.45 -18.10
N PHE A 255 -12.26 8.19 -16.88
CA PHE A 255 -13.11 9.14 -16.16
C PHE A 255 -12.42 10.47 -15.84
N ILE A 256 -11.17 10.41 -15.38
CA ILE A 256 -10.43 11.63 -15.00
C ILE A 256 -9.95 12.46 -16.18
N GLU A 257 -10.12 11.93 -17.39
CA GLU A 257 -9.88 12.70 -18.61
C GLU A 257 -11.11 13.55 -18.97
N LYS A 258 -12.26 13.17 -18.42
CA LYS A 258 -13.50 13.93 -18.61
C LYS A 258 -13.77 14.81 -17.39
N TRP A 259 -13.64 14.24 -16.19
CA TRP A 259 -13.78 14.99 -14.94
C TRP A 259 -12.51 14.85 -14.09
N PRO A 260 -11.55 15.77 -14.29
CA PRO A 260 -10.21 15.72 -13.68
C PRO A 260 -10.19 15.94 -12.16
N VAL A 261 -10.56 14.91 -11.42
CA VAL A 261 -10.56 14.94 -9.96
C VAL A 261 -9.22 14.42 -9.42
N VAL A 262 -8.79 14.96 -8.29
CA VAL A 262 -7.56 14.50 -7.62
C VAL A 262 -7.89 13.95 -6.22
N PRO A 263 -6.99 13.11 -5.66
CA PRO A 263 -7.21 12.63 -4.29
C PRO A 263 -7.40 13.79 -3.30
N GLY A 264 -8.43 13.68 -2.46
CA GLY A 264 -8.75 14.73 -1.50
C GLY A 264 -10.01 15.50 -1.83
N ASP A 265 -10.37 15.54 -3.11
CA ASP A 265 -11.56 16.25 -3.58
C ASP A 265 -12.84 15.61 -3.02
N SER A 266 -13.78 16.47 -2.60
CA SER A 266 -15.04 16.00 -2.01
C SER A 266 -15.99 15.39 -3.03
N ILE A 267 -16.64 14.30 -2.63
CA ILE A 267 -17.67 13.63 -3.43
C ILE A 267 -18.92 13.45 -2.56
N THR A 268 -20.02 14.06 -2.98
CA THR A 268 -21.29 13.92 -2.27
C THR A 268 -22.29 13.15 -3.11
N VAL A 269 -22.90 12.13 -2.52
CA VAL A 269 -23.88 11.28 -3.20
C VAL A 269 -25.23 11.35 -2.48
N SER A 270 -26.28 11.66 -3.24
CA SER A 270 -27.62 11.84 -2.69
C SER A 270 -28.69 11.36 -3.69
N PRO A 271 -29.88 11.01 -3.18
CA PRO A 271 -30.98 10.58 -4.05
C PRO A 271 -31.51 11.68 -4.96
O5' ADN B . 16.75 4.38 0.96
C5' ADN B . 15.93 4.42 -0.23
C4' ADN B . 15.08 5.68 -0.21
O4' ADN B . 15.87 6.84 -0.53
C3' ADN B . 13.98 5.71 -1.24
O3' ADN B . 12.83 5.01 -0.76
C2' ADN B . 13.75 7.20 -1.48
O2' ADN B . 12.50 7.67 -0.96
C1' ADN B . 14.91 7.87 -0.75
N9 ADN B . 15.47 8.96 -1.57
C8 ADN B . 16.10 8.87 -2.76
N7 ADN B . 16.44 10.10 -3.20
C5 ADN B . 16.01 10.98 -2.27
C6 ADN B . 16.04 12.37 -2.16
N6 ADN B . 16.62 13.11 -3.12
N1 ADN B . 15.49 12.95 -1.06
C2 ADN B . 14.92 12.23 -0.09
N3 ADN B . 14.86 10.89 -0.18
C4 ADN B . 15.40 10.25 -1.25
C1 PEG C . 17.73 -22.01 -5.00
O1 PEG C . 17.80 -23.10 -5.92
C2 PEG C . 18.54 -20.83 -5.53
O2 PEG C . 17.77 -20.08 -6.46
C3 PEG C . 18.34 -18.81 -6.77
C4 PEG C . 17.95 -17.77 -5.72
O4 PEG C . 19.08 -17.42 -4.92
C1 PEG D . -7.03 -3.00 -5.27
O1 PEG D . -8.30 -3.59 -4.95
C2 PEG D . -6.82 -3.07 -6.77
O2 PEG D . -5.51 -2.65 -7.15
C3 PEG D . -5.42 -1.26 -7.48
C4 PEG D . -5.84 -0.99 -8.91
O4 PEG D . -5.86 0.43 -9.12
#